data_4BIN
#
_entry.id   4BIN
#
_cell.length_a   59.032
_cell.length_b   68.442
_cell.length_c   90.576
_cell.angle_alpha   90.00
_cell.angle_beta   90.00
_cell.angle_gamma   90.00
#
_symmetry.space_group_name_H-M   'P 21 21 21'
#
loop_
_entity.id
_entity.type
_entity.pdbx_description
1 polymer 'N-ACETYLMURAMOYL-L-ALANINE AMIDASE AMIC'
2 non-polymer 'ZINC ION'
3 non-polymer 'SODIUM ION'
4 water water
#
_entity_poly.entity_id   1
_entity_poly.type   'polypeptide(L)'
_entity_poly.pdbx_seq_one_letter_code
;MHHHHHHSSGRENLYFQGHMQVVAVRVWPASSYTRVTVESNRQLKYKQFALSNPERVVVDIEDVNLNSVLKGMAAQIRAD
DPFIKSARVGQFDPQTVRMVFELKQNVKPQLFALAPVAGFKERLVMDLYPANAQDMQDPLLALLEDYNKGDLEKQVPPAQ
SGPQPGKAGRDRPIVIMLDPGHGGEDSGAVGKYKTREKDVVLQIARRLRSLIEKEGNMKVYMTRNEDIFIPLQVRVAKAQ
KQRADLFVSIHADAFTSRQPSGSSVFALSTKGATSTAAKYLAQTQNASDLIGGVSKSGDRYVDHTMFDMVQSLTIADSLK
FGKAVLNKLGKINKLHKNQVEQAGFAVLKAPDIPSILVETAFISNVEEERKLKTATFQQEVAESILAGIKAYFADGATLA
RRG
;
_entity_poly.pdbx_strand_id   A
#
# COMPACT_ATOMS: atom_id res chain seq x y z
N PHE A 16 28.68 7.49 0.04
CA PHE A 16 29.24 7.29 1.43
C PHE A 16 28.63 8.26 2.43
N GLN A 17 28.13 7.69 3.52
CA GLN A 17 27.22 8.38 4.40
C GLN A 17 27.45 7.89 5.82
N GLY A 18 28.59 7.20 6.00
CA GLY A 18 28.99 6.63 7.28
C GLY A 18 29.20 7.70 8.30
N HIS A 19 29.64 8.86 7.80
CA HIS A 19 29.93 9.98 8.65
C HIS A 19 28.71 10.76 9.14
N MET A 20 27.60 10.75 8.37
CA MET A 20 26.41 11.58 8.64
C MET A 20 25.56 10.88 9.68
N GLN A 21 24.66 11.63 10.30
CA GLN A 21 23.63 11.05 11.16
C GLN A 21 22.35 10.87 10.33
N VAL A 22 21.75 11.96 9.89
CA VAL A 22 20.59 11.89 9.04
C VAL A 22 21.04 11.63 7.61
N VAL A 23 20.56 10.53 7.02
CA VAL A 23 20.93 10.18 5.63
C VAL A 23 19.91 10.41 4.54
N ALA A 24 18.62 10.45 4.88
CA ALA A 24 17.55 10.73 3.91
C ALA A 24 16.36 11.32 4.67
N VAL A 25 15.56 12.07 3.93
CA VAL A 25 14.39 12.77 4.44
C VAL A 25 13.25 12.70 3.39
N ARG A 26 12.13 12.14 3.76
CA ARG A 26 11.05 11.97 2.78
C ARG A 26 9.71 12.52 3.32
N VAL A 27 8.96 13.19 2.44
CA VAL A 27 7.62 13.61 2.81
C VAL A 27 6.57 12.93 1.93
N TRP A 28 5.62 12.23 2.54
CA TRP A 28 4.51 11.62 1.82
C TRP A 28 3.20 12.35 2.08
N PRO A 29 2.93 13.41 1.30
CA PRO A 29 1.63 14.12 1.45
C PRO A 29 0.47 13.24 1.06
N ALA A 30 -0.54 13.12 1.91
CA ALA A 30 -1.77 12.46 1.48
C ALA A 30 -2.90 13.08 2.28
N SER A 31 -4.15 12.88 1.86
CA SER A 31 -5.31 13.56 2.46
C SER A 31 -5.67 13.07 3.83
N SER A 32 -5.50 11.78 4.12
CA SER A 32 -5.75 11.25 5.45
C SER A 32 -4.71 11.66 6.49
N TYR A 33 -3.44 11.74 6.07
CA TYR A 33 -2.35 12.14 6.91
C TYR A 33 -1.15 12.36 5.98
N THR A 34 -0.35 13.38 6.28
CA THR A 34 0.94 13.50 5.68
C THR A 34 2.03 12.86 6.56
N ARG A 35 2.86 12.02 5.96
CA ARG A 35 3.94 11.39 6.70
C ARG A 35 5.28 12.08 6.42
N VAL A 36 6.02 12.40 7.48
CA VAL A 36 7.38 12.82 7.38
C VAL A 36 8.28 11.73 7.94
N THR A 37 9.27 11.36 7.13
CA THR A 37 10.22 10.34 7.50
C THR A 37 11.59 10.93 7.50
N VAL A 38 12.33 10.64 8.56
CA VAL A 38 13.70 11.05 8.68
C VAL A 38 14.51 9.80 8.96
N GLU A 39 15.48 9.52 8.08
CA GLU A 39 16.23 8.28 8.18
C GLU A 39 17.63 8.62 8.61
N SER A 40 18.20 7.83 9.52
CA SER A 40 19.49 8.17 10.12
C SER A 40 20.29 6.93 10.51
N ASN A 41 21.57 7.12 10.76
CA ASN A 41 22.45 6.02 11.09
C ASN A 41 22.35 5.53 12.51
N ARG A 42 21.85 6.38 13.42
CA ARG A 42 21.66 6.01 14.83
C ARG A 42 20.26 6.46 15.22
N GLN A 43 19.66 5.78 16.21
CA GLN A 43 18.40 6.21 16.77
C GLN A 43 18.46 7.69 17.27
N LEU A 44 17.49 8.49 16.84
CA LEU A 44 17.48 9.89 17.13
C LEU A 44 16.73 10.21 18.41
N LYS A 45 17.30 11.04 19.27
CA LYS A 45 16.50 11.66 20.35
C LYS A 45 15.80 12.86 19.71
N TYR A 46 14.52 13.06 20.01
CA TYR A 46 13.79 14.12 19.39
C TYR A 46 12.85 14.63 20.46
N LYS A 47 12.26 15.78 20.19
CA LYS A 47 11.13 16.33 20.93
C LYS A 47 10.28 16.97 19.86
N GLN A 48 8.99 16.78 19.99
CA GLN A 48 8.02 17.41 19.11
C GLN A 48 7.08 18.32 19.91
N PHE A 49 6.84 19.53 19.40
CA PHE A 49 5.88 20.42 20.03
C PHE A 49 5.13 21.31 19.02
N ALA A 50 4.17 22.10 19.49
CA ALA A 50 3.31 22.92 18.61
C ALA A 50 3.60 24.41 18.81
N LEU A 51 3.29 25.23 17.81
CA LEU A 51 3.26 26.68 18.02
C LEU A 51 2.06 27.24 17.26
N SER A 52 1.67 28.48 17.58
CA SER A 52 0.56 29.11 16.93
C SER A 52 0.98 30.44 16.33
N ASN A 53 0.07 31.06 15.56
CA ASN A 53 0.28 32.38 14.94
C ASN A 53 1.59 32.55 14.18
N PRO A 54 1.82 31.73 13.15
CA PRO A 54 0.92 30.72 12.50
C PRO A 54 0.98 29.32 13.13
N GLU A 55 -0.08 28.53 13.00
CA GLU A 55 -0.01 27.10 13.40
C GLU A 55 1.25 26.38 12.84
N ARG A 56 1.99 25.70 13.69
CA ARG A 56 3.27 25.11 13.31
C ARG A 56 3.48 23.85 14.09
N VAL A 57 4.23 22.94 13.54
CA VAL A 57 4.69 21.79 14.32
C VAL A 57 6.20 21.89 14.25
N VAL A 58 6.87 21.59 15.36
CA VAL A 58 8.31 21.74 15.44
C VAL A 58 8.93 20.46 15.93
N VAL A 59 9.98 20.00 15.26
CA VAL A 59 10.67 18.82 15.77
C VAL A 59 12.13 19.18 16.00
N ASP A 60 12.61 18.89 17.20
CA ASP A 60 14.03 19.01 17.51
C ASP A 60 14.76 17.67 17.53
N ILE A 61 15.86 17.59 16.78
CA ILE A 61 16.59 16.33 16.67
C ILE A 61 18.00 16.48 17.26
N GLU A 62 18.38 15.57 18.16
CA GLU A 62 19.70 15.58 18.82
C GLU A 62 20.64 14.54 18.24
N ASP A 63 21.93 14.85 18.42
CA ASP A 63 23.07 14.17 17.76
C ASP A 63 23.11 14.41 16.26
N VAL A 64 22.52 15.50 15.77
CA VAL A 64 22.58 15.81 14.35
C VAL A 64 23.30 17.10 14.09
N ASN A 65 24.19 17.04 13.10
CA ASN A 65 24.73 18.20 12.43
C ASN A 65 23.88 18.43 11.20
N LEU A 66 23.50 19.67 10.96
CA LEU A 66 22.82 20.06 9.71
C LEU A 66 23.68 19.70 8.49
N ASN A 67 23.04 19.26 7.40
CA ASN A 67 23.74 18.88 6.16
C ASN A 67 22.86 19.07 4.93
N SER A 68 23.44 18.83 3.76
CA SER A 68 22.70 18.85 2.47
C SER A 68 21.32 18.20 2.48
N VAL A 69 21.25 17.02 3.09
CA VAL A 69 20.04 16.20 3.17
C VAL A 69 18.90 16.92 3.91
N LEU A 70 19.14 17.37 5.16
CA LEU A 70 18.11 18.13 5.88
C LEU A 70 17.81 19.47 5.27
N LYS A 71 18.83 20.12 4.72
CA LYS A 71 18.63 21.38 4.03
C LYS A 71 17.73 21.20 2.81
N GLY A 72 17.73 20.01 2.21
CA GLY A 72 16.89 19.76 1.04
C GLY A 72 15.43 19.50 1.41
N MET A 73 15.14 19.44 2.72
CA MET A 73 13.82 19.13 3.26
C MET A 73 12.75 20.12 2.83
N ALA A 74 13.14 21.38 2.66
CA ALA A 74 12.23 22.45 2.24
C ALA A 74 11.73 22.27 0.81
N ALA A 75 12.52 21.60 -0.04
CA ALA A 75 12.18 21.49 -1.47
C ALA A 75 11.40 20.22 -1.75
N GLN A 76 11.24 19.41 -0.70
CA GLN A 76 10.39 18.22 -0.75
C GLN A 76 8.93 18.55 -0.48
N ILE A 77 8.66 19.77 0.00
CA ILE A 77 7.29 20.13 0.32
C ILE A 77 6.54 20.55 -0.94
N ARG A 78 5.53 19.77 -1.29
CA ARG A 78 4.81 20.00 -2.51
C ARG A 78 3.79 21.09 -2.31
N ALA A 79 3.52 21.82 -3.39
CA ALA A 79 2.50 22.85 -3.34
C ALA A 79 1.10 22.35 -3.05
N ASP A 80 0.92 21.03 -2.91
CA ASP A 80 -0.40 20.43 -2.71
C ASP A 80 -0.43 19.48 -1.52
N ASP A 81 0.55 19.58 -0.62
CA ASP A 81 0.48 18.89 0.67
C ASP A 81 -0.77 19.40 1.44
N PRO A 82 -1.71 18.50 1.79
CA PRO A 82 -2.90 18.99 2.50
C PRO A 82 -2.58 19.48 3.91
N PHE A 83 -1.41 19.09 4.44
CA PHE A 83 -1.02 19.46 5.81
C PHE A 83 0.06 20.51 5.90
N ILE A 84 1.11 20.37 5.10
CA ILE A 84 2.30 21.19 5.26
C ILE A 84 2.35 22.33 4.25
N LYS A 85 2.26 23.56 4.74
CA LYS A 85 2.38 24.77 3.94
C LYS A 85 3.85 24.97 3.58
N SER A 86 4.78 24.73 4.53
CA SER A 86 6.23 24.80 4.27
C SER A 86 7.06 24.21 5.40
N ALA A 87 8.34 23.94 5.13
CA ALA A 87 9.26 23.37 6.12
C ALA A 87 10.61 24.07 6.14
N ARG A 88 11.00 24.60 7.31
CA ARG A 88 12.29 25.27 7.46
C ARG A 88 13.12 24.46 8.44
N VAL A 89 14.42 24.44 8.22
CA VAL A 89 15.33 23.65 9.07
C VAL A 89 16.55 24.50 9.45
N GLY A 90 16.99 24.45 10.72
CA GLY A 90 18.26 25.04 11.12
C GLY A 90 18.99 24.29 12.23
N GLN A 91 20.32 24.45 12.33
CA GLN A 91 21.05 24.11 13.59
C GLN A 91 20.48 25.08 14.58
N PHE A 92 20.02 24.57 15.71
CA PHE A 92 19.49 25.46 16.70
C PHE A 92 20.42 25.53 17.93
N ASP A 93 21.38 24.64 17.99
CA ASP A 93 22.14 24.36 19.18
C ASP A 93 23.29 23.57 18.59
N PRO A 94 24.50 23.66 19.18
CA PRO A 94 25.58 22.92 18.50
C PRO A 94 25.30 21.42 18.28
N GLN A 95 24.27 20.89 18.95
CA GLN A 95 23.90 19.46 18.94
C GLN A 95 22.57 19.12 18.19
N THR A 96 21.81 20.17 17.85
CA THR A 96 20.37 20.08 17.69
C THR A 96 19.90 20.74 16.41
N VAL A 97 19.18 19.97 15.62
CA VAL A 97 18.56 20.52 14.45
C VAL A 97 17.08 20.76 14.77
N ARG A 98 16.57 21.89 14.30
CA ARG A 98 15.17 22.17 14.50
C ARG A 98 14.45 22.15 13.17
N MET A 99 13.39 21.36 13.09
CA MET A 99 12.53 21.31 11.90
C MET A 99 11.23 21.95 12.26
N VAL A 100 10.82 22.85 11.37
CA VAL A 100 9.62 23.66 11.56
C VAL A 100 8.65 23.49 10.39
N PHE A 101 7.46 22.97 10.68
CA PHE A 101 6.44 22.75 9.66
C PHE A 101 5.29 23.70 9.83
N GLU A 102 5.21 24.70 8.98
CA GLU A 102 4.01 25.57 8.95
C GLU A 102 2.83 24.76 8.36
N LEU A 103 1.66 24.83 9.02
CA LEU A 103 0.49 23.99 8.70
C LEU A 103 -0.65 24.69 7.99
N LYS A 104 -1.43 23.89 7.23
CA LYS A 104 -2.63 24.32 6.48
C LYS A 104 -3.89 23.99 7.26
N GLN A 105 -3.75 23.22 8.32
CA GLN A 105 -4.91 22.79 9.12
C GLN A 105 -4.42 22.22 10.44
N ASN A 106 -5.30 22.16 11.42
CA ASN A 106 -4.91 21.66 12.74
C ASN A 106 -4.59 20.18 12.71
N VAL A 107 -3.49 19.82 13.34
CA VAL A 107 -3.04 18.45 13.35
C VAL A 107 -2.92 17.86 14.74
N LYS A 108 -3.05 16.55 14.78
CA LYS A 108 -2.68 15.80 15.94
C LYS A 108 -1.47 14.93 15.50
N PRO A 109 -0.25 15.37 15.82
CA PRO A 109 0.88 14.58 15.34
C PRO A 109 1.04 13.30 16.09
N GLN A 110 1.55 12.27 15.42
CA GLN A 110 1.93 11.03 16.09
C GLN A 110 3.34 10.64 15.60
N LEU A 111 4.26 10.50 16.55
CA LEU A 111 5.65 10.19 16.27
C LEU A 111 6.04 8.81 16.77
N PHE A 112 6.79 8.06 15.97
CA PHE A 112 7.31 6.78 16.45
C PHE A 112 8.60 6.52 15.76
N ALA A 113 9.43 5.70 16.37
CA ALA A 113 10.74 5.38 15.82
C ALA A 113 10.69 3.95 15.35
N LEU A 114 11.46 3.64 14.29
CA LEU A 114 11.55 2.28 13.74
C LEU A 114 13.02 1.85 13.70
N ALA A 115 13.30 0.59 14.10
CA ALA A 115 14.64 0.02 14.08
C ALA A 115 15.07 -0.31 12.64
N PRO A 116 16.37 -0.39 12.34
CA PRO A 116 16.67 -0.66 10.94
C PRO A 116 16.10 -2.02 10.55
N VAL A 117 15.56 -2.09 9.34
CA VAL A 117 14.92 -3.28 8.87
C VAL A 117 14.73 -3.11 7.37
N ALA A 118 14.62 -4.22 6.65
CA ALA A 118 14.24 -4.23 5.22
C ALA A 118 15.06 -3.29 4.37
N GLY A 119 16.31 -3.02 4.77
CA GLY A 119 17.18 -2.19 3.95
C GLY A 119 17.22 -0.71 4.32
N PHE A 120 16.32 -0.29 5.21
CA PHE A 120 16.30 1.10 5.69
C PHE A 120 17.14 1.16 6.95
N LYS A 121 17.78 2.30 7.21
CA LYS A 121 18.44 2.49 8.50
C LYS A 121 17.39 2.88 9.56
N GLU A 122 17.82 3.62 10.58
CA GLU A 122 16.90 4.05 11.65
C GLU A 122 15.93 5.04 11.04
N ARG A 123 14.67 4.92 11.40
CA ARG A 123 13.71 5.89 10.93
C ARG A 123 12.90 6.54 12.03
N LEU A 124 12.74 7.84 11.91
CA LEU A 124 11.83 8.51 12.77
C LEU A 124 10.69 8.92 11.89
N VAL A 125 9.49 8.51 12.27
CA VAL A 125 8.28 8.83 11.50
C VAL A 125 7.36 9.81 12.23
N MET A 126 6.96 10.88 11.57
CA MET A 126 5.93 11.74 12.11
C MET A 126 4.72 11.77 11.21
N ASP A 127 3.57 11.31 11.70
CA ASP A 127 2.36 11.41 10.88
C ASP A 127 1.45 12.50 11.38
N LEU A 128 1.04 13.38 10.47
CA LEU A 128 0.23 14.52 10.84
C LEU A 128 -1.17 14.16 10.47
N TYR A 129 -2.00 13.85 11.48
CA TYR A 129 -3.42 13.59 11.24
C TYR A 129 -4.29 14.85 11.44
N PRO A 130 -5.44 14.95 10.80
CA PRO A 130 -6.31 16.10 11.18
C PRO A 130 -6.85 16.02 12.62
N ALA A 131 -7.08 17.17 13.25
CA ALA A 131 -7.56 17.22 14.66
C ALA A 131 -9.11 17.21 14.80
N PRO A 139 -13.00 9.30 6.55
CA PRO A 139 -13.74 8.01 6.52
C PRO A 139 -12.83 6.81 6.84
N LEU A 140 -11.61 6.84 6.30
CA LEU A 140 -10.52 5.89 6.62
C LEU A 140 -9.70 6.41 7.82
N LEU A 141 -9.84 7.71 8.09
CA LEU A 141 -9.33 8.34 9.32
C LEU A 141 -9.82 7.54 10.51
N ALA A 142 -11.13 7.33 10.54
CA ALA A 142 -11.79 6.56 11.57
C ALA A 142 -11.08 5.24 11.92
N LEU A 143 -10.54 4.54 10.90
CA LEU A 143 -9.86 3.24 11.07
C LEU A 143 -8.39 3.31 11.54
N LEU A 144 -7.62 4.25 10.98
CA LEU A 144 -6.22 4.42 11.32
C LEU A 144 -6.05 4.85 12.80
N GLU A 145 -6.96 5.71 13.28
CA GLU A 145 -6.87 6.30 14.64
C GLU A 145 -7.39 5.40 15.78
N ASP A 146 -8.25 4.43 15.45
CA ASP A 146 -8.70 3.45 16.46
C ASP A 146 -7.82 2.18 16.42
N TYR A 147 -6.83 2.20 15.52
CA TYR A 147 -5.80 1.15 15.40
C TYR A 147 -4.89 1.12 16.65
N ASN A 148 -5.48 0.74 17.78
CA ASN A 148 -4.83 0.68 19.12
C ASN A 148 -4.92 -0.70 19.75
N SER A 161 -21.13 -6.20 10.64
CA SER A 161 -20.36 -5.90 9.42
C SER A 161 -20.03 -7.12 8.52
N GLY A 162 -19.20 -6.94 7.50
CA GLY A 162 -18.97 -7.99 6.50
C GLY A 162 -19.99 -7.85 5.36
N PRO A 163 -20.16 -8.90 4.53
CA PRO A 163 -21.25 -8.82 3.52
C PRO A 163 -22.64 -8.62 4.15
N GLN A 164 -23.41 -7.72 3.52
CA GLN A 164 -24.80 -7.50 3.88
C GLN A 164 -25.59 -8.81 3.61
N PRO A 165 -26.78 -8.96 4.24
CA PRO A 165 -27.68 -10.11 3.88
C PRO A 165 -28.16 -10.06 2.43
N GLY A 166 -28.46 -11.22 1.86
CA GLY A 166 -29.00 -11.28 0.50
C GLY A 166 -27.98 -11.82 -0.48
N LYS A 167 -28.41 -12.04 -1.73
CA LYS A 167 -27.52 -12.49 -2.81
C LYS A 167 -27.03 -11.25 -3.54
N ALA A 168 -25.75 -10.96 -3.35
CA ALA A 168 -25.04 -9.92 -4.11
C ALA A 168 -25.34 -10.10 -5.59
N GLY A 169 -25.57 -8.98 -6.25
CA GLY A 169 -25.85 -8.96 -7.67
C GLY A 169 -27.33 -8.93 -7.97
N ARG A 170 -28.12 -9.67 -7.18
CA ARG A 170 -29.57 -9.84 -7.37
C ARG A 170 -30.41 -9.01 -6.39
N ASP A 171 -30.24 -9.23 -5.09
CA ASP A 171 -30.99 -8.46 -4.07
C ASP A 171 -30.46 -7.03 -3.78
N ARG A 172 -29.25 -6.73 -4.26
CA ARG A 172 -28.52 -5.49 -3.95
C ARG A 172 -27.31 -5.55 -4.82
N PRO A 173 -26.54 -4.46 -4.92
CA PRO A 173 -25.27 -4.53 -5.62
C PRO A 173 -24.18 -5.44 -5.02
N ILE A 174 -23.27 -5.92 -5.87
CA ILE A 174 -22.04 -6.58 -5.40
C ILE A 174 -21.09 -5.50 -4.90
N VAL A 175 -20.66 -5.60 -3.66
CA VAL A 175 -19.68 -4.65 -3.17
C VAL A 175 -18.29 -5.26 -3.33
N ILE A 176 -17.48 -4.57 -4.14
CA ILE A 176 -16.12 -4.93 -4.43
C ILE A 176 -15.22 -3.90 -3.72
N MET A 177 -14.26 -4.41 -2.94
CA MET A 177 -13.18 -3.60 -2.40
C MET A 177 -11.90 -3.85 -3.20
N LEU A 178 -11.36 -2.81 -3.85
CA LEU A 178 -10.07 -2.90 -4.49
C LEU A 178 -9.01 -2.44 -3.52
N ASP A 179 -7.90 -3.19 -3.54
CA ASP A 179 -6.74 -2.94 -2.70
C ASP A 179 -5.49 -2.87 -3.57
N PRO A 180 -5.14 -1.66 -4.05
CA PRO A 180 -3.86 -1.55 -4.76
C PRO A 180 -2.71 -1.67 -3.77
N GLY A 181 -1.77 -2.56 -4.04
CA GLY A 181 -0.75 -2.88 -3.05
C GLY A 181 0.14 -1.70 -2.73
N HIS A 182 0.68 -1.70 -1.50
CA HIS A 182 1.76 -0.80 -1.08
C HIS A 182 1.36 0.69 -0.96
N GLY A 183 2.31 1.60 -1.20
CA GLY A 183 2.00 3.02 -1.13
C GLY A 183 2.94 3.81 -0.23
N GLY A 184 3.08 5.10 -0.54
CA GLY A 184 3.91 6.03 0.21
C GLY A 184 5.31 5.50 0.41
N GLU A 185 5.69 5.38 1.67
CA GLU A 185 6.99 4.86 2.04
C GLU A 185 7.31 3.46 1.44
N ASP A 186 6.29 2.64 1.23
CA ASP A 186 6.49 1.30 0.64
C ASP A 186 6.25 1.33 -0.88
N SER A 187 7.33 1.23 -1.66
CA SER A 187 7.26 1.47 -3.14
C SER A 187 6.82 0.20 -3.84
N GLY A 188 6.82 -0.87 -3.08
CA GLY A 188 6.67 -2.17 -3.67
C GLY A 188 7.94 -2.56 -4.39
N ALA A 189 7.91 -3.71 -5.06
CA ALA A 189 9.02 -4.15 -5.87
C ALA A 189 9.34 -3.06 -6.90
N VAL A 190 10.61 -2.93 -7.27
CA VAL A 190 11.06 -1.89 -8.23
C VAL A 190 11.64 -2.56 -9.48
N GLY A 191 11.22 -2.14 -10.66
CA GLY A 191 11.78 -2.73 -11.86
C GLY A 191 13.26 -2.49 -12.06
N LYS A 192 13.87 -3.27 -12.95
CA LYS A 192 15.21 -2.96 -13.44
C LYS A 192 15.27 -1.54 -13.99
N TYR A 193 14.22 -1.07 -14.65
CA TYR A 193 14.31 0.26 -15.19
C TYR A 193 13.59 1.28 -14.32
N LYS A 194 13.36 0.92 -13.06
CA LYS A 194 12.96 1.86 -12.02
C LYS A 194 11.44 2.09 -11.83
N THR A 195 10.61 1.34 -12.54
CA THR A 195 9.17 1.47 -12.34
C THR A 195 8.92 0.89 -10.95
N ARG A 196 8.12 1.58 -10.15
CA ARG A 196 7.80 1.19 -8.79
C ARG A 196 6.43 0.53 -8.83
N GLU A 197 6.32 -0.62 -8.14
CA GLU A 197 5.06 -1.40 -8.11
C GLU A 197 3.87 -0.59 -7.59
N LYS A 198 4.11 0.25 -6.59
CA LYS A 198 3.07 1.12 -6.04
C LYS A 198 2.36 2.00 -7.08
N ASP A 199 3.08 2.49 -8.09
CA ASP A 199 2.48 3.38 -9.10
C ASP A 199 1.58 2.62 -10.08
N VAL A 200 2.10 1.51 -10.62
CA VAL A 200 1.39 0.73 -11.63
C VAL A 200 0.16 0.02 -11.05
N VAL A 201 0.25 -0.51 -9.83
CA VAL A 201 -0.93 -1.17 -9.28
C VAL A 201 -2.03 -0.13 -8.92
N LEU A 202 -1.62 1.10 -8.67
CA LEU A 202 -2.62 2.15 -8.46
C LEU A 202 -3.31 2.50 -9.77
N GLN A 203 -2.53 2.70 -10.85
CA GLN A 203 -3.10 3.02 -12.19
C GLN A 203 -4.04 1.91 -12.65
N ILE A 204 -3.63 0.66 -12.44
CA ILE A 204 -4.49 -0.47 -12.78
C ILE A 204 -5.78 -0.50 -11.92
N ALA A 205 -5.67 -0.31 -10.60
CA ALA A 205 -6.86 -0.14 -9.75
C ALA A 205 -7.81 0.98 -10.13
N ARG A 206 -7.29 2.11 -10.61
CA ARG A 206 -8.12 3.23 -11.04
C ARG A 206 -8.93 2.93 -12.30
N ARG A 207 -8.31 2.22 -13.26
CA ARG A 207 -9.01 1.81 -14.49
C ARG A 207 -10.10 0.84 -14.12
N LEU A 208 -9.79 -0.04 -13.17
CA LEU A 208 -10.74 -1.07 -12.81
C LEU A 208 -11.88 -0.47 -12.02
N ARG A 209 -11.60 0.51 -11.15
CA ARG A 209 -12.64 1.23 -10.39
C ARG A 209 -13.58 1.90 -11.39
N SER A 210 -13.01 2.64 -12.33
CA SER A 210 -13.72 3.37 -13.37
C SER A 210 -14.65 2.48 -14.22
N LEU A 211 -14.19 1.31 -14.64
CA LEU A 211 -15.04 0.32 -15.31
C LEU A 211 -16.19 -0.10 -14.40
N ILE A 212 -15.90 -0.43 -13.16
CA ILE A 212 -16.96 -0.95 -12.25
C ILE A 212 -18.05 0.07 -11.99
N GLU A 213 -17.69 1.34 -12.00
CA GLU A 213 -18.71 2.34 -11.76
C GLU A 213 -19.47 2.67 -13.04
N LYS A 214 -19.56 1.67 -13.91
CA LYS A 214 -20.46 1.67 -15.07
C LYS A 214 -21.27 0.40 -15.05
N GLU A 215 -20.94 -0.48 -14.10
CA GLU A 215 -21.75 -1.65 -13.83
C GLU A 215 -22.83 -1.25 -12.83
N GLY A 216 -24.08 -1.28 -13.28
CA GLY A 216 -25.21 -0.98 -12.41
C GLY A 216 -25.29 -2.00 -11.28
N ASN A 217 -25.00 -3.25 -11.63
CA ASN A 217 -24.82 -4.39 -10.72
C ASN A 217 -23.93 -4.13 -9.48
N MET A 218 -23.03 -3.13 -9.57
CA MET A 218 -21.80 -3.13 -8.77
C MET A 218 -21.42 -1.82 -8.08
N LYS A 219 -20.82 -1.97 -6.91
CA LYS A 219 -20.33 -0.86 -6.11
C LYS A 219 -18.89 -1.17 -5.75
N VAL A 220 -18.04 -0.13 -5.84
CA VAL A 220 -16.59 -0.26 -5.58
C VAL A 220 -16.12 0.77 -4.58
N TYR A 221 -15.31 0.29 -3.64
CA TYR A 221 -14.46 1.13 -2.81
C TYR A 221 -12.99 0.82 -3.06
N MET A 222 -12.12 1.74 -2.65
CA MET A 222 -10.66 1.52 -2.72
C MET A 222 -10.01 1.63 -1.36
N THR A 223 -9.05 0.78 -1.05
CA THR A 223 -8.38 0.91 0.25
C THR A 223 -7.51 2.14 0.24
N ARG A 224 -7.07 2.55 -0.93
CA ARG A 224 -6.36 3.81 -1.13
C ARG A 224 -6.60 4.23 -2.57
N ASN A 225 -6.57 5.54 -2.79
CA ASN A 225 -6.65 6.12 -4.11
C ASN A 225 -5.61 7.23 -4.27
N GLU A 226 -4.47 7.05 -3.62
CA GLU A 226 -3.35 7.96 -3.78
C GLU A 226 -2.08 7.35 -3.23
N ASP A 227 -0.96 8.09 -3.32
CA ASP A 227 0.31 7.57 -2.84
C ASP A 227 0.45 7.66 -1.31
N ILE A 228 -0.27 6.79 -0.61
CA ILE A 228 -0.25 6.77 0.84
C ILE A 228 0.04 5.35 1.27
N PHE A 229 0.66 5.17 2.42
CA PHE A 229 0.81 3.86 3.00
C PHE A 229 -0.35 3.46 3.87
N ILE A 230 -0.92 2.27 3.67
CA ILE A 230 -1.99 1.75 4.54
C ILE A 230 -1.51 0.44 5.14
N PRO A 231 -1.51 0.30 6.48
CA PRO A 231 -1.14 -0.97 7.13
C PRO A 231 -1.98 -2.16 6.65
N LEU A 232 -1.41 -3.36 6.68
CA LEU A 232 -2.10 -4.51 6.16
C LEU A 232 -3.44 -4.77 6.86
N GLN A 233 -3.47 -4.71 8.18
CA GLN A 233 -4.74 -5.04 8.84
C GLN A 233 -5.81 -3.99 8.65
N VAL A 234 -5.41 -2.80 8.21
CA VAL A 234 -6.33 -1.71 7.97
C VAL A 234 -7.06 -1.93 6.63
N ARG A 235 -6.34 -2.47 5.64
CA ARG A 235 -6.91 -2.85 4.38
C ARG A 235 -8.03 -3.87 4.61
N VAL A 236 -7.72 -4.89 5.43
CA VAL A 236 -8.67 -5.96 5.73
C VAL A 236 -9.89 -5.36 6.45
N ALA A 237 -9.64 -4.55 7.47
CA ALA A 237 -10.68 -3.94 8.27
C ALA A 237 -11.55 -3.02 7.43
N LYS A 238 -10.96 -2.32 6.45
CA LYS A 238 -11.73 -1.45 5.54
C LYS A 238 -12.79 -2.27 4.82
N ALA A 239 -12.40 -3.46 4.37
CA ALA A 239 -13.29 -4.34 3.62
C ALA A 239 -14.41 -4.90 4.51
N GLN A 240 -14.12 -5.24 5.76
CA GLN A 240 -15.17 -5.62 6.66
C GLN A 240 -16.08 -4.43 6.98
N LYS A 241 -15.49 -3.25 7.11
CA LYS A 241 -16.23 -2.05 7.47
C LYS A 241 -17.18 -1.61 6.37
N GLN A 242 -16.72 -1.59 5.14
CA GLN A 242 -17.57 -1.14 4.01
C GLN A 242 -18.44 -2.25 3.42
N ARG A 243 -18.49 -3.40 4.08
CA ARG A 243 -19.39 -4.50 3.69
C ARG A 243 -19.07 -5.11 2.32
N ALA A 244 -17.78 -5.40 2.05
CA ALA A 244 -17.40 -5.95 0.75
C ALA A 244 -17.95 -7.35 0.53
N ASP A 245 -18.39 -7.66 -0.70
CA ASP A 245 -18.75 -9.03 -1.06
C ASP A 245 -17.51 -9.70 -1.66
N LEU A 246 -16.65 -8.90 -2.26
CA LEU A 246 -15.41 -9.37 -2.87
C LEU A 246 -14.26 -8.46 -2.54
N PHE A 247 -13.14 -9.09 -2.20
CA PHE A 247 -11.90 -8.34 -2.02
C PHE A 247 -10.82 -8.80 -3.02
N VAL A 248 -10.33 -7.85 -3.80
CA VAL A 248 -9.21 -8.03 -4.75
C VAL A 248 -7.98 -7.17 -4.39
N SER A 249 -6.83 -7.81 -4.19
CA SER A 249 -5.64 -7.09 -3.85
C SER A 249 -4.79 -7.18 -5.10
N ILE A 250 -4.25 -6.03 -5.51
CA ILE A 250 -3.61 -5.88 -6.82
C ILE A 250 -2.12 -5.56 -6.65
N HIS A 251 -1.29 -6.32 -7.36
CA HIS A 251 0.14 -6.27 -7.17
C HIS A 251 0.95 -6.47 -8.43
N ALA A 252 2.24 -6.22 -8.31
CA ALA A 252 3.21 -6.39 -9.37
C ALA A 252 4.58 -6.70 -8.72
N ASP A 253 4.64 -7.81 -7.99
CA ASP A 253 5.81 -8.14 -7.22
C ASP A 253 6.95 -8.65 -8.06
N ALA A 254 7.95 -9.20 -7.38
CA ALA A 254 9.24 -9.40 -7.91
C ALA A 254 9.85 -10.66 -7.36
N PHE A 255 10.63 -11.34 -8.19
CA PHE A 255 11.50 -12.38 -7.73
C PHE A 255 12.92 -11.85 -7.86
N THR A 256 13.88 -12.54 -7.24
CA THR A 256 15.28 -12.21 -7.44
C THR A 256 15.71 -12.45 -8.92
N SER A 257 15.43 -13.64 -9.46
CA SER A 257 15.58 -13.88 -10.88
C SER A 257 14.62 -13.04 -11.78
N ARG A 258 15.17 -12.40 -12.82
CA ARG A 258 14.36 -11.68 -13.84
C ARG A 258 13.71 -12.57 -14.90
N GLN A 259 13.84 -13.88 -14.72
CA GLN A 259 13.29 -14.84 -15.65
C GLN A 259 11.77 -15.14 -15.48
N PRO A 260 11.31 -15.57 -14.27
CA PRO A 260 9.88 -15.74 -14.06
C PRO A 260 9.07 -14.55 -14.56
N SER A 261 7.98 -14.85 -15.27
CA SER A 261 7.09 -13.81 -15.78
C SER A 261 5.68 -14.33 -15.88
N GLY A 262 4.79 -13.50 -16.41
CA GLY A 262 3.37 -13.83 -16.51
C GLY A 262 2.55 -13.40 -15.31
N SER A 263 1.24 -13.35 -15.48
CA SER A 263 0.29 -13.07 -14.43
C SER A 263 -0.03 -14.30 -13.60
N SER A 264 -0.68 -14.07 -12.47
CA SER A 264 -0.90 -15.13 -11.53
C SER A 264 -1.94 -14.64 -10.53
N VAL A 265 -2.72 -15.57 -9.96
CA VAL A 265 -3.73 -15.26 -8.94
C VAL A 265 -3.56 -16.13 -7.68
N PHE A 266 -3.66 -15.56 -6.49
CA PHE A 266 -3.50 -16.32 -5.22
C PHE A 266 -4.72 -16.16 -4.33
N ALA A 267 -4.97 -17.16 -3.50
CA ALA A 267 -5.98 -17.09 -2.45
C ALA A 267 -5.33 -17.55 -1.14
N LEU A 268 -6.06 -17.46 -0.04
CA LEU A 268 -5.43 -17.73 1.24
C LEU A 268 -5.11 -19.23 1.48
N SER A 269 -4.01 -19.51 2.17
CA SER A 269 -3.90 -20.77 2.91
C SER A 269 -3.31 -20.47 4.24
N THR A 270 -3.89 -21.02 5.29
CA THR A 270 -3.30 -20.88 6.64
C THR A 270 -2.48 -22.13 6.99
N LYS A 271 -2.42 -23.11 6.10
CA LYS A 271 -1.82 -24.43 6.40
C LYS A 271 -0.69 -24.84 5.48
N GLY A 272 -0.11 -23.89 4.77
CA GLY A 272 1.04 -24.21 3.93
C GLY A 272 0.78 -23.77 2.51
N ALA A 273 1.79 -23.21 1.88
CA ALA A 273 1.68 -22.79 0.53
C ALA A 273 1.71 -23.99 -0.46
N THR A 274 1.18 -23.76 -1.66
CA THR A 274 1.10 -24.73 -2.75
C THR A 274 2.33 -24.71 -3.64
N SER A 275 3.24 -23.77 -3.46
CA SER A 275 4.51 -23.76 -4.19
C SER A 275 5.50 -22.89 -3.46
N THR A 276 6.79 -23.03 -3.77
CA THR A 276 7.80 -22.20 -3.11
C THR A 276 7.66 -20.77 -3.59
N ALA A 277 7.15 -20.59 -4.81
CA ALA A 277 6.95 -19.22 -5.34
C ALA A 277 5.90 -18.50 -4.50
N ALA A 278 4.81 -19.21 -4.21
CA ALA A 278 3.72 -18.62 -3.47
C ALA A 278 4.12 -18.32 -2.02
N LYS A 279 4.89 -19.23 -1.41
CA LYS A 279 5.40 -19.08 -0.04
C LYS A 279 6.31 -17.85 0.05
N TYR A 280 7.21 -17.71 -0.92
CA TYR A 280 8.05 -16.55 -1.07
C TYR A 280 7.28 -15.23 -1.21
N LEU A 281 6.27 -15.17 -2.07
CA LEU A 281 5.53 -13.91 -2.24
C LEU A 281 4.72 -13.55 -1.01
N ALA A 282 4.28 -14.57 -0.26
CA ALA A 282 3.58 -14.32 0.99
C ALA A 282 4.54 -13.63 1.95
N GLN A 283 5.76 -14.18 2.07
CA GLN A 283 6.82 -13.57 2.89
C GLN A 283 7.13 -12.14 2.47
N THR A 284 7.38 -11.91 1.16
CA THR A 284 7.72 -10.56 0.73
C THR A 284 6.55 -9.59 0.89
N GLN A 285 5.35 -10.00 0.53
CA GLN A 285 4.17 -9.13 0.72
C GLN A 285 3.79 -8.83 2.22
N ASN A 286 4.06 -9.77 3.13
CA ASN A 286 3.78 -9.58 4.55
C ASN A 286 4.79 -8.64 5.22
N ALA A 287 5.93 -8.40 4.57
CA ALA A 287 6.92 -7.47 5.12
C ALA A 287 6.54 -6.01 4.83
N SER A 288 5.39 -5.82 4.20
CA SER A 288 4.97 -4.51 3.81
C SER A 288 4.86 -3.58 5.00
N ASP A 289 4.34 -4.08 6.11
CA ASP A 289 4.13 -3.29 7.32
C ASP A 289 5.44 -2.86 7.95
N LEU A 290 6.49 -3.69 7.79
CA LEU A 290 7.85 -3.36 8.16
C LEU A 290 8.45 -2.36 7.18
N ILE A 291 8.13 -2.51 5.91
CA ILE A 291 8.69 -1.63 4.89
C ILE A 291 8.11 -0.22 5.01
N GLY A 292 6.79 -0.10 5.07
CA GLY A 292 6.14 1.21 5.10
C GLY A 292 6.18 1.80 6.49
N GLY A 293 6.05 0.95 7.51
CA GLY A 293 6.25 1.39 8.89
C GLY A 293 5.00 1.79 9.62
N VAL A 294 4.75 1.10 10.73
CA VAL A 294 3.57 1.33 11.57
C VAL A 294 3.99 1.31 13.07
N SER A 295 3.20 1.93 13.97
CA SER A 295 3.43 1.70 15.43
C SER A 295 2.67 0.49 16.00
N ASP A 308 -13.10 -20.03 11.43
CA ASP A 308 -12.19 -21.17 11.19
C ASP A 308 -12.90 -22.44 10.74
N MET A 309 -14.21 -22.50 10.99
CA MET A 309 -15.06 -23.35 10.17
C MET A 309 -15.60 -22.45 9.04
N VAL A 310 -15.95 -21.21 9.37
CA VAL A 310 -16.43 -20.30 8.33
C VAL A 310 -15.30 -19.90 7.41
N GLN A 311 -14.06 -19.94 7.91
CA GLN A 311 -12.95 -19.53 7.06
C GLN A 311 -12.60 -20.48 5.89
N SER A 312 -12.59 -21.80 6.13
CA SER A 312 -12.36 -22.76 5.05
C SER A 312 -13.37 -22.60 3.94
N LEU A 313 -14.63 -22.36 4.31
CA LEU A 313 -15.69 -22.08 3.33
C LEU A 313 -15.40 -20.82 2.48
N THR A 314 -14.86 -19.77 3.11
CA THR A 314 -14.49 -18.51 2.44
C THR A 314 -13.31 -18.69 1.48
N ILE A 315 -12.35 -19.54 1.87
CA ILE A 315 -11.25 -19.95 1.00
C ILE A 315 -11.74 -20.65 -0.29
N ALA A 316 -12.56 -21.69 -0.13
CA ALA A 316 -13.29 -22.32 -1.27
C ALA A 316 -13.96 -21.36 -2.26
N ASP A 317 -14.67 -20.33 -1.78
CA ASP A 317 -15.24 -19.29 -2.67
C ASP A 317 -14.17 -18.44 -3.35
N SER A 318 -13.12 -18.13 -2.60
CA SER A 318 -11.95 -17.39 -3.12
C SER A 318 -11.21 -18.13 -4.22
N LEU A 319 -11.11 -19.45 -4.06
CA LEU A 319 -10.49 -20.30 -5.10
C LEU A 319 -11.31 -20.19 -6.37
N LYS A 320 -12.64 -20.28 -6.21
CA LYS A 320 -13.58 -20.24 -7.34
C LYS A 320 -13.58 -18.88 -8.02
N PHE A 321 -13.61 -17.81 -7.23
CA PHE A 321 -13.43 -16.46 -7.78
C PHE A 321 -12.02 -16.28 -8.37
N GLY A 322 -10.99 -16.77 -7.70
CA GLY A 322 -9.66 -16.70 -8.29
C GLY A 322 -9.56 -17.36 -9.66
N LYS A 323 -10.13 -18.56 -9.78
CA LYS A 323 -10.15 -19.32 -11.04
C LYS A 323 -10.80 -18.52 -12.17
N ALA A 324 -11.96 -17.90 -11.89
CA ALA A 324 -12.67 -17.12 -12.89
C ALA A 324 -11.74 -16.01 -13.44
N VAL A 325 -11.09 -15.27 -12.54
CA VAL A 325 -10.12 -14.21 -12.87
C VAL A 325 -8.89 -14.70 -13.65
N LEU A 326 -8.29 -15.82 -13.22
CA LEU A 326 -7.15 -16.45 -13.93
C LEU A 326 -7.47 -16.77 -15.40
N ASN A 327 -8.68 -17.32 -15.61
CA ASN A 327 -9.14 -17.69 -16.97
C ASN A 327 -9.21 -16.50 -17.87
N LYS A 328 -9.57 -15.34 -17.30
CA LYS A 328 -9.61 -14.15 -18.12
C LYS A 328 -8.20 -13.55 -18.32
N LEU A 329 -7.33 -13.67 -17.31
CA LEU A 329 -5.93 -13.20 -17.47
C LEU A 329 -5.15 -14.02 -18.49
N GLY A 330 -5.46 -15.32 -18.53
CA GLY A 330 -4.93 -16.24 -19.54
C GLY A 330 -5.18 -15.94 -21.00
N LYS A 331 -6.08 -15.01 -21.31
CA LYS A 331 -6.33 -14.51 -22.70
C LYS A 331 -5.49 -13.28 -23.10
N ILE A 332 -4.73 -12.77 -22.14
CA ILE A 332 -4.26 -11.40 -22.11
C ILE A 332 -2.77 -11.45 -21.83
N ASN A 333 -2.33 -12.52 -21.14
CA ASN A 333 -0.93 -12.63 -20.72
C ASN A 333 -0.47 -14.06 -20.52
N LYS A 334 0.83 -14.33 -20.68
CA LYS A 334 1.43 -15.55 -20.12
C LYS A 334 0.90 -15.70 -18.71
N LEU A 335 0.56 -16.91 -18.26
CA LEU A 335 0.27 -17.11 -16.85
C LEU A 335 1.49 -17.69 -16.21
N HIS A 336 1.88 -17.19 -15.04
CA HIS A 336 2.97 -17.78 -14.31
C HIS A 336 2.68 -19.20 -13.83
N LYS A 337 1.50 -19.42 -13.26
CA LYS A 337 1.05 -20.78 -12.98
C LYS A 337 -0.39 -20.89 -13.52
N ASN A 338 -0.76 -22.09 -13.95
CA ASN A 338 -2.06 -22.34 -14.56
C ASN A 338 -3.18 -22.59 -13.57
N GLN A 339 -2.88 -22.67 -12.28
CA GLN A 339 -3.94 -22.84 -11.27
C GLN A 339 -3.89 -21.68 -10.28
N VAL A 340 -4.94 -21.54 -9.47
CA VAL A 340 -4.93 -20.55 -8.41
C VAL A 340 -3.99 -21.10 -7.35
N GLU A 341 -3.10 -20.27 -6.79
CA GLU A 341 -2.16 -20.76 -5.77
C GLU A 341 -2.59 -20.23 -4.38
N GLN A 342 -1.94 -20.73 -3.35
CA GLN A 342 -2.29 -20.37 -1.99
C GLN A 342 -1.02 -20.22 -1.13
N ALA A 343 -1.01 -19.20 -0.29
CA ALA A 343 0.04 -19.02 0.69
C ALA A 343 -0.48 -18.10 1.78
N GLY A 344 0.27 -17.95 2.88
CA GLY A 344 -0.18 -17.16 4.06
C GLY A 344 -0.20 -15.64 3.90
N PHE A 345 -0.99 -15.12 2.96
CA PHE A 345 -1.07 -13.66 2.72
C PHE A 345 -1.94 -12.96 3.77
N ALA A 346 -1.36 -12.04 4.52
CA ALA A 346 -2.10 -11.35 5.57
C ALA A 346 -3.32 -10.55 5.05
N VAL A 347 -3.24 -9.90 3.86
CA VAL A 347 -4.40 -9.16 3.34
C VAL A 347 -5.59 -10.04 2.97
N LEU A 348 -5.38 -11.35 2.91
CA LEU A 348 -6.48 -12.24 2.50
C LEU A 348 -7.18 -12.93 3.71
N LYS A 349 -6.92 -12.42 4.92
CA LYS A 349 -7.34 -13.05 6.18
C LYS A 349 -8.77 -12.71 6.61
N ALA A 350 -9.45 -11.81 5.91
CA ALA A 350 -10.84 -11.45 6.22
C ALA A 350 -11.68 -12.69 6.29
N PRO A 351 -12.27 -13.02 7.47
CA PRO A 351 -12.81 -14.40 7.60
C PRO A 351 -14.11 -14.66 6.82
N ASP A 352 -14.82 -13.59 6.45
CA ASP A 352 -16.17 -13.74 5.87
C ASP A 352 -16.21 -13.28 4.45
N ILE A 353 -15.06 -12.83 3.94
CA ILE A 353 -15.04 -12.32 2.56
C ILE A 353 -14.06 -13.02 1.53
N PRO A 354 -14.61 -13.48 0.38
CA PRO A 354 -13.76 -14.04 -0.68
C PRO A 354 -12.73 -13.02 -1.13
N SER A 355 -11.46 -13.41 -1.03
CA SER A 355 -10.36 -12.48 -1.21
C SER A 355 -9.30 -13.12 -2.07
N ILE A 356 -8.81 -12.35 -3.02
CA ILE A 356 -7.75 -12.82 -3.87
C ILE A 356 -6.65 -11.78 -4.08
N LEU A 357 -5.47 -12.26 -4.40
CA LEU A 357 -4.37 -11.37 -4.73
C LEU A 357 -3.99 -11.64 -6.20
N VAL A 358 -4.07 -10.60 -7.01
CA VAL A 358 -3.79 -10.68 -8.42
C VAL A 358 -2.40 -10.13 -8.63
N GLU A 359 -1.50 -11.01 -9.06
CA GLU A 359 -0.21 -10.57 -9.59
C GLU A 359 -0.45 -10.18 -11.05
N THR A 360 -0.65 -8.90 -11.30
CA THR A 360 -0.85 -8.42 -12.65
C THR A 360 0.31 -8.85 -13.53
N ALA A 361 1.53 -8.70 -13.03
CA ALA A 361 2.71 -9.28 -13.63
C ALA A 361 3.91 -9.10 -12.66
N PHE A 362 4.97 -9.90 -12.83
CA PHE A 362 6.21 -9.71 -12.08
C PHE A 362 7.11 -8.63 -12.65
N ILE A 363 7.14 -7.48 -11.94
CA ILE A 363 7.88 -6.27 -12.34
C ILE A 363 9.39 -6.54 -12.35
N SER A 364 9.83 -7.62 -11.70
CA SER A 364 11.23 -8.07 -11.75
C SER A 364 11.63 -8.45 -13.15
N ASN A 365 10.64 -8.79 -13.97
CA ASN A 365 10.83 -9.18 -15.38
C ASN A 365 10.81 -8.00 -16.33
N VAL A 366 11.86 -7.86 -17.14
CA VAL A 366 12.06 -6.66 -17.95
C VAL A 366 10.91 -6.42 -18.92
N GLU A 367 10.42 -7.50 -19.51
CA GLU A 367 9.32 -7.41 -20.47
C GLU A 367 7.98 -7.03 -19.81
N GLU A 368 7.74 -7.63 -18.66
CA GLU A 368 6.56 -7.32 -17.89
C GLU A 368 6.64 -5.98 -17.21
N GLU A 369 7.80 -5.52 -16.80
CA GLU A 369 7.94 -4.13 -16.35
C GLU A 369 7.46 -3.16 -17.41
N ARG A 370 7.90 -3.37 -18.64
CA ARG A 370 7.58 -2.47 -19.72
C ARG A 370 6.11 -2.55 -20.08
N LYS A 371 5.53 -3.75 -20.06
CA LYS A 371 4.09 -3.90 -20.29
C LYS A 371 3.23 -3.18 -19.24
N LEU A 372 3.61 -3.31 -17.98
CA LEU A 372 2.89 -2.68 -16.89
C LEU A 372 2.82 -1.18 -16.99
N LYS A 373 3.74 -0.55 -17.76
CA LYS A 373 3.71 0.93 -17.94
C LYS A 373 2.74 1.37 -19.02
N THR A 374 2.25 0.43 -19.82
CA THR A 374 1.45 0.77 -20.99
C THR A 374 -0.01 0.87 -20.63
N ALA A 375 -0.68 1.92 -21.09
CA ALA A 375 -2.15 2.03 -20.98
C ALA A 375 -2.96 0.80 -21.51
N THR A 376 -2.54 0.18 -22.62
CA THR A 376 -3.25 -0.99 -23.13
C THR A 376 -3.21 -2.18 -22.20
N PHE A 377 -2.04 -2.53 -21.70
CA PHE A 377 -1.98 -3.71 -20.88
C PHE A 377 -2.62 -3.48 -19.53
N GLN A 378 -2.56 -2.25 -19.00
CA GLN A 378 -3.20 -1.97 -17.70
C GLN A 378 -4.70 -2.09 -17.86
N GLN A 379 -5.22 -1.59 -18.98
CA GLN A 379 -6.64 -1.72 -19.32
C GLN A 379 -7.07 -3.20 -19.53
N GLU A 380 -6.28 -3.99 -20.28
CA GLU A 380 -6.56 -5.43 -20.47
C GLU A 380 -6.70 -6.13 -19.11
N VAL A 381 -5.76 -5.81 -18.20
CA VAL A 381 -5.81 -6.33 -16.82
C VAL A 381 -7.06 -5.88 -16.06
N ALA A 382 -7.43 -4.60 -16.21
CA ALA A 382 -8.65 -4.14 -15.59
C ALA A 382 -9.91 -4.83 -16.16
N GLU A 383 -10.09 -4.83 -17.49
CA GLU A 383 -11.16 -5.59 -18.17
C GLU A 383 -11.17 -7.07 -17.78
N SER A 384 -10.00 -7.69 -17.64
CA SER A 384 -9.93 -9.10 -17.15
C SER A 384 -10.50 -9.31 -15.73
N ILE A 385 -10.03 -8.55 -14.74
CA ILE A 385 -10.61 -8.67 -13.38
C ILE A 385 -12.14 -8.51 -13.39
N LEU A 386 -12.60 -7.43 -14.03
CA LEU A 386 -14.06 -7.17 -14.13
C LEU A 386 -14.82 -8.38 -14.72
N ALA A 387 -14.34 -8.86 -15.88
CA ALA A 387 -14.92 -9.99 -16.57
C ALA A 387 -14.90 -11.23 -15.67
N GLY A 388 -13.76 -11.50 -15.02
CA GLY A 388 -13.72 -12.50 -13.94
C GLY A 388 -14.72 -12.31 -12.78
N ILE A 389 -14.90 -11.08 -12.32
CA ILE A 389 -15.90 -10.82 -11.28
C ILE A 389 -17.29 -11.22 -11.79
N LYS A 390 -17.64 -10.74 -13.00
CA LYS A 390 -18.94 -11.03 -13.60
C LYS A 390 -19.14 -12.53 -13.80
N ALA A 391 -18.13 -13.25 -14.28
CA ALA A 391 -18.25 -14.69 -14.56
C ALA A 391 -18.38 -15.52 -13.28
N TYR A 392 -17.80 -15.06 -12.19
CA TYR A 392 -18.04 -15.66 -10.88
C TYR A 392 -19.49 -15.59 -10.40
N PHE A 393 -20.16 -14.48 -10.72
CA PHE A 393 -21.57 -14.31 -10.37
C PHE A 393 -22.55 -14.81 -11.46
N ALA A 394 -22.49 -16.12 -11.76
CA ALA A 394 -23.25 -16.76 -12.85
C ALA A 394 -23.03 -18.29 -12.85
#